data_8PU5
#
_entry.id   8PU5
#
_cell.length_a   92.955
_cell.length_b   92.955
_cell.length_c   128.782
_cell.angle_alpha   90.00
_cell.angle_beta   90.00
_cell.angle_gamma   120.00
#
_symmetry.space_group_name_H-M   'P 31 1 2'
#
loop_
_entity.id
_entity.type
_entity.pdbx_description
1 polymer 'Probable acyl-CoA dehydrogenase'
2 non-polymer Palmitoyl-CoA
3 non-polymer 1,2-ETHANEDIOL
4 non-polymer 'TRIETHYLENE GLYCOL'
5 non-polymer 'NITRATE ION'
6 non-polymer 2-AMINO-2-HYDROXYMETHYL-PROPANE-1,3-DIOL
7 water water
#
_entity_poly.entity_id   1
_entity_poly.type   'polypeptide(L)'
_entity_poly.pdbx_seq_one_letter_code
;GHMPDYKAPLRDIRFVRDELLGYEAHYQSLPGAEDATPDMVNAILEEGAKFCEQVIAPLNRVGDLEGCTWSADGVKTPTG
FKEAYQQFVEGGWPSLAHDVEHGGQGLPESLGLAISEMVGQANWSWGMYPGLSHGAMNTLHAHGTAEQQATYLTKLVSGE
WTGTMCLTEPHCGTDLGMLRTKAEPQADGSYKVTGTKIFISAGEHDMADNIVHIVLARLPDAPQGTKGISLFIVPKFLPN
AEGNAGERNAVSCGSIEHKMGIHGNATCVMNFDAATGFLIGPPNKGLNCMFTFMNTARLGTALQGLAHAEVGFQGGIAYA
RERLQMRSLTGPKAPEKPADPIIVHPDVRRMLLTMKAFAEGNRAMLYFAAKQVDIVQRSQDEEQKKAADSMLAFLTPIAK
AFMTEVGFESANHGVQIFGGHGFIAEHGMEQNVRDSRISMLYAGTTGVQALDLLGRKVLMTQGEALKGFTKIVHKFCQAN
EANEAVKEFVAPLAQLNKEWGDLTMKVGMAAMKDREEVGAASVDYLMYSGYACLAYFWADMARLAAEKLAAGTGEEAFYK
AKLQTARFYFQRILPRTRAHVAAMLSGANNLMEMAEEDFALGY
;
_entity_poly.pdbx_strand_id   B
#
# COMPACT_ATOMS: atom_id res chain seq x y z
N ASP A 5 19.64 8.25 -9.18
CA ASP A 5 19.59 7.06 -10.05
C ASP A 5 18.17 6.46 -10.06
N TYR A 6 17.41 6.58 -8.98
CA TYR A 6 15.96 6.32 -9.07
C TYR A 6 15.39 7.28 -10.14
N LYS A 7 14.58 6.77 -11.05
CA LYS A 7 13.84 7.60 -12.03
C LYS A 7 12.35 7.33 -11.84
N ALA A 8 11.55 8.38 -11.74
CA ALA A 8 10.09 8.20 -11.61
C ALA A 8 9.55 7.64 -12.92
N PRO A 9 8.65 6.63 -12.88
CA PRO A 9 8.04 6.04 -14.08
C PRO A 9 6.86 6.91 -14.56
N LEU A 10 7.16 8.14 -14.96
CA LEU A 10 6.10 9.11 -15.28
C LEU A 10 5.34 8.70 -16.55
N ARG A 11 6.04 8.22 -17.59
CA ARG A 11 5.37 7.82 -18.84
C ARG A 11 4.36 6.71 -18.52
N ASP A 12 4.70 5.78 -17.64
CA ASP A 12 3.77 4.66 -17.34
C ASP A 12 2.60 5.17 -16.47
N ILE A 13 2.92 6.02 -15.51
CA ILE A 13 1.86 6.63 -14.67
C ILE A 13 0.85 7.37 -15.56
N ARG A 14 1.35 8.19 -16.50
CA ARG A 14 0.45 8.85 -17.48
C ARG A 14 -0.32 7.86 -18.35
N PHE A 15 0.33 6.80 -18.83
CA PHE A 15 -0.31 5.71 -19.60
C PHE A 15 -1.49 5.16 -18.82
N VAL A 16 -1.23 4.74 -17.59
CA VAL A 16 -2.31 4.11 -16.79
C VAL A 16 -3.43 5.10 -16.49
N ARG A 17 -3.07 6.29 -16.00
CA ARG A 17 -4.08 7.26 -15.55
C ARG A 17 -4.87 7.77 -16.78
N ASP A 18 -4.17 8.33 -17.74
CA ASP A 18 -4.85 9.08 -18.82
C ASP A 18 -5.37 8.19 -19.94
N GLU A 19 -4.61 7.17 -20.30
CA GLU A 19 -4.98 6.36 -21.47
C GLU A 19 -5.82 5.17 -21.03
N LEU A 20 -5.34 4.41 -20.05
CA LEU A 20 -6.06 3.21 -19.62
C LEU A 20 -7.34 3.60 -18.86
N LEU A 21 -7.28 4.52 -17.92
CA LEU A 21 -8.38 4.71 -16.92
C LEU A 21 -9.08 6.04 -17.13
N GLY A 22 -8.81 6.76 -18.22
CA GLY A 22 -9.58 7.99 -18.54
C GLY A 22 -9.62 9.01 -17.43
N TYR A 23 -8.47 9.38 -16.89
CA TYR A 23 -8.46 10.28 -15.72
C TYR A 23 -9.00 11.67 -16.07
N GLU A 24 -8.77 12.12 -17.30
CA GLU A 24 -9.23 13.49 -17.66
C GLU A 24 -10.75 13.55 -17.54
N ALA A 25 -11.45 12.62 -18.16
CA ALA A 25 -12.92 12.59 -18.06
C ALA A 25 -13.36 12.30 -16.63
N HIS A 26 -12.59 11.50 -15.92
CA HIS A 26 -12.91 11.22 -14.50
C HIS A 26 -12.92 12.54 -13.71
N TYR A 27 -11.86 13.32 -13.80
CA TYR A 27 -11.73 14.57 -13.02
C TYR A 27 -12.81 15.55 -13.52
N GLN A 28 -13.12 15.51 -14.81
CA GLN A 28 -14.14 16.40 -15.44
C GLN A 28 -15.50 16.14 -14.79
N SER A 29 -15.78 14.90 -14.41
CA SER A 29 -17.10 14.40 -13.92
C SER A 29 -17.25 14.66 -12.41
N LEU A 30 -16.20 15.06 -11.69
CA LEU A 30 -16.28 15.01 -10.22
C LEU A 30 -16.22 16.42 -9.64
N PRO A 31 -17.17 16.74 -8.73
CA PRO A 31 -17.17 18.03 -8.04
C PRO A 31 -15.79 18.32 -7.43
N GLY A 32 -15.28 19.53 -7.65
CA GLY A 32 -14.06 20.05 -7.02
C GLY A 32 -12.82 19.79 -7.85
N ALA A 33 -12.91 18.88 -8.83
CA ALA A 33 -11.76 18.36 -9.60
C ALA A 33 -11.66 19.08 -10.94
N GLU A 34 -12.67 19.89 -11.30
CA GLU A 34 -12.83 20.44 -12.67
C GLU A 34 -11.61 21.29 -13.03
N ASP A 35 -10.93 21.88 -12.04
CA ASP A 35 -9.69 22.70 -12.19
C ASP A 35 -8.42 21.81 -12.29
N ALA A 36 -8.49 20.54 -11.91
CA ALA A 36 -7.37 19.57 -12.02
C ALA A 36 -7.20 19.22 -13.50
N THR A 37 -6.77 20.21 -14.30
CA THR A 37 -6.62 20.12 -15.79
C THR A 37 -5.35 19.36 -16.14
N PRO A 38 -5.28 18.74 -17.34
CA PRO A 38 -4.11 17.97 -17.73
C PRO A 38 -2.78 18.73 -17.56
N ASP A 39 -2.71 20.01 -17.91
CA ASP A 39 -1.42 20.75 -17.87
C ASP A 39 -1.01 20.97 -16.41
N MET A 40 -1.97 21.33 -15.54
CA MET A 40 -1.71 21.54 -14.10
C MET A 40 -1.25 20.21 -13.48
N VAL A 41 -2.03 19.14 -13.70
CA VAL A 41 -1.71 17.78 -13.19
C VAL A 41 -0.32 17.35 -13.66
N ASN A 42 0.01 17.48 -14.94
CA ASN A 42 1.34 17.07 -15.45
C ASN A 42 2.44 17.90 -14.80
N ALA A 43 2.24 19.20 -14.55
CA ALA A 43 3.27 20.04 -13.89
C ALA A 43 3.48 19.54 -12.45
N ILE A 44 2.41 19.28 -11.73
CA ILE A 44 2.45 18.74 -10.34
C ILE A 44 3.20 17.40 -10.34
N LEU A 45 2.87 16.48 -11.25
CA LEU A 45 3.60 15.17 -11.30
C LEU A 45 5.10 15.41 -11.54
N GLU A 46 5.44 16.28 -12.50
CA GLU A 46 6.86 16.58 -12.84
C GLU A 46 7.57 17.16 -11.63
N GLU A 47 6.93 18.08 -10.90
CA GLU A 47 7.60 18.69 -9.72
C GLU A 47 7.77 17.62 -8.64
N GLY A 48 6.79 16.71 -8.53
CA GLY A 48 6.81 15.59 -7.57
C GLY A 48 7.98 14.68 -7.87
N ALA A 49 8.12 14.31 -9.15
CA ALA A 49 9.21 13.46 -9.64
C ALA A 49 10.54 14.12 -9.27
N LYS A 50 10.68 15.43 -9.47
CA LYS A 50 12.01 16.04 -9.23
C LYS A 50 12.35 15.98 -7.73
N PHE A 51 11.39 16.28 -6.87
CA PHE A 51 11.62 16.19 -5.42
C PHE A 51 12.09 14.78 -5.07
N CYS A 52 11.37 13.80 -5.62
CA CYS A 52 11.72 12.40 -5.29
C CYS A 52 13.11 12.05 -5.80
N GLU A 53 13.41 12.37 -7.06
CA GLU A 53 14.69 12.01 -7.68
C GLU A 53 15.85 12.76 -7.03
N GLN A 54 15.66 14.04 -6.69
CA GLN A 54 16.81 14.93 -6.33
C GLN A 54 17.01 15.03 -4.82
N VAL A 55 15.92 14.94 -4.05
CA VAL A 55 16.02 15.24 -2.60
C VAL A 55 15.97 13.98 -1.75
N ILE A 56 14.95 13.13 -1.95
CA ILE A 56 14.82 11.99 -1.00
C ILE A 56 15.46 10.70 -1.56
N ALA A 57 15.52 10.44 -2.86
CA ALA A 57 16.12 9.19 -3.37
C ALA A 57 17.60 9.13 -2.95
N PRO A 58 18.39 10.22 -3.01
CA PRO A 58 19.77 10.15 -2.55
C PRO A 58 19.97 9.87 -1.04
N LEU A 59 18.92 9.98 -0.25
CA LEU A 59 18.92 9.72 1.21
C LEU A 59 18.51 8.26 1.53
N ASN A 60 18.14 7.45 0.55
CA ASN A 60 17.62 6.09 0.87
C ASN A 60 18.70 5.21 1.52
N ARG A 61 19.88 5.16 0.93
CA ARG A 61 20.99 4.36 1.51
C ARG A 61 21.41 4.93 2.87
N VAL A 62 21.53 6.27 2.95
CA VAL A 62 21.89 6.95 4.24
C VAL A 62 20.91 6.50 5.33
N GLY A 63 19.61 6.46 5.02
CA GLY A 63 18.59 6.07 6.00
C GLY A 63 18.83 4.66 6.53
N ASP A 64 19.17 3.74 5.63
CA ASP A 64 19.42 2.33 6.00
C ASP A 64 20.71 2.20 6.80
N LEU A 65 21.76 2.92 6.39
CA LEU A 65 23.11 2.80 7.01
C LEU A 65 23.10 3.43 8.41
N GLU A 66 22.52 4.61 8.57
CA GLU A 66 22.57 5.32 9.88
C GLU A 66 21.41 4.91 10.79
N GLY A 67 20.24 4.68 10.23
CA GLY A 67 19.06 4.47 11.06
C GLY A 67 18.80 5.67 11.95
N CYS A 68 17.93 5.47 12.93
CA CYS A 68 17.56 6.52 13.92
C CYS A 68 18.37 6.29 15.21
N THR A 69 18.53 7.34 16.01
CA THR A 69 19.34 7.31 17.25
C THR A 69 18.47 7.78 18.42
N TRP A 70 18.20 6.89 19.35
CA TRP A 70 17.41 7.20 20.57
C TRP A 70 18.29 7.94 21.59
N SER A 71 17.70 8.93 22.24
CA SER A 71 18.12 9.46 23.57
C SER A 71 16.85 9.68 24.42
N ALA A 72 16.92 9.76 25.75
CA ALA A 72 15.69 9.98 26.56
C ALA A 72 14.99 11.27 26.09
N ASP A 73 15.81 12.27 25.76
CA ASP A 73 15.54 13.58 25.10
C ASP A 73 14.68 13.48 23.81
N GLY A 74 14.85 12.43 23.00
CA GLY A 74 14.14 12.35 21.68
C GLY A 74 14.84 11.44 20.69
N VAL A 75 14.48 11.49 19.42
CA VAL A 75 14.98 10.49 18.43
C VAL A 75 15.52 11.28 17.24
N LYS A 76 16.78 11.02 16.91
CA LYS A 76 17.41 11.69 15.75
C LYS A 76 17.22 10.86 14.48
N THR A 77 16.80 11.52 13.41
CA THR A 77 16.59 10.85 12.12
C THR A 77 17.91 10.88 11.33
N PRO A 78 18.04 10.05 10.28
CA PRO A 78 19.24 10.04 9.46
C PRO A 78 19.61 11.39 8.81
N THR A 79 20.90 11.58 8.63
CA THR A 79 21.41 12.81 7.98
C THR A 79 20.60 13.17 6.74
N GLY A 80 20.03 14.37 6.73
CA GLY A 80 19.29 14.91 5.58
C GLY A 80 17.79 14.70 5.65
N PHE A 81 17.31 13.75 6.45
CA PHE A 81 15.86 13.44 6.49
C PHE A 81 15.08 14.69 6.89
N LYS A 82 15.49 15.36 7.97
CA LYS A 82 14.67 16.49 8.50
C LYS A 82 14.74 17.71 7.56
N GLU A 83 15.86 17.92 6.92
CA GLU A 83 16.06 18.99 5.91
C GLU A 83 15.14 18.70 4.72
N ALA A 84 15.10 17.44 4.26
CA ALA A 84 14.18 17.04 3.17
C ALA A 84 12.74 17.27 3.58
N TYR A 85 12.39 17.01 4.84
CA TYR A 85 11.00 17.22 5.31
C TYR A 85 10.69 18.74 5.34
N GLN A 86 11.67 19.55 5.74
CA GLN A 86 11.52 21.04 5.69
C GLN A 86 11.23 21.45 4.23
N GLN A 87 11.96 20.93 3.25
CA GLN A 87 11.75 21.26 1.82
C GLN A 87 10.38 20.77 1.35
N PHE A 88 9.95 19.58 1.80
CA PHE A 88 8.63 19.02 1.44
C PHE A 88 7.51 19.98 1.94
N VAL A 89 7.64 20.42 3.18
CA VAL A 89 6.65 21.32 3.83
C VAL A 89 6.69 22.68 3.09
N GLU A 90 7.88 23.21 2.80
CA GLU A 90 8.02 24.54 2.12
C GLU A 90 7.40 24.46 0.72
N GLY A 91 7.43 23.30 0.07
CA GLY A 91 6.90 23.08 -1.28
C GLY A 91 5.40 22.88 -1.29
N GLY A 92 4.77 22.79 -0.12
CA GLY A 92 3.31 22.69 0.07
C GLY A 92 2.76 21.29 -0.09
N TRP A 93 3.63 20.28 -0.18
CA TRP A 93 3.16 18.94 -0.60
C TRP A 93 2.15 18.37 0.40
N PRO A 94 2.34 18.52 1.74
CA PRO A 94 1.40 17.92 2.68
C PRO A 94 -0.06 18.36 2.43
N SER A 95 -0.26 19.58 1.91
CA SER A 95 -1.62 20.18 1.78
C SER A 95 -2.31 19.82 0.46
N LEU A 96 -1.56 19.19 -0.47
CA LEU A 96 -1.97 19.00 -1.88
C LEU A 96 -3.40 18.46 -1.99
N ALA A 97 -3.71 17.31 -1.41
CA ALA A 97 -5.00 16.64 -1.60
C ALA A 97 -5.86 16.71 -0.33
N HIS A 98 -5.90 17.85 0.35
CA HIS A 98 -6.74 18.03 1.57
C HIS A 98 -7.69 19.23 1.33
N ASP A 99 -8.77 19.25 2.08
CA ASP A 99 -9.85 20.28 1.97
C ASP A 99 -9.30 21.70 2.12
N VAL A 100 -9.67 22.58 1.20
CA VAL A 100 -9.44 24.05 1.25
C VAL A 100 -9.88 24.61 2.61
N GLU A 101 -10.98 24.12 3.17
CA GLU A 101 -11.54 24.57 4.47
C GLU A 101 -10.47 24.46 5.57
N HIS A 102 -9.57 23.47 5.51
CA HIS A 102 -8.54 23.26 6.55
C HIS A 102 -7.13 23.63 6.11
N GLY A 103 -6.99 24.48 5.09
CA GLY A 103 -5.68 24.97 4.60
C GLY A 103 -5.14 24.14 3.46
N GLY A 104 -5.95 23.23 2.93
CA GLY A 104 -5.57 22.33 1.82
C GLY A 104 -5.60 22.98 0.45
N GLN A 105 -5.03 22.32 -0.55
CA GLN A 105 -5.06 22.81 -1.96
C GLN A 105 -6.28 22.24 -2.68
N GLY A 106 -6.93 21.20 -2.14
CA GLY A 106 -8.24 20.69 -2.61
C GLY A 106 -8.14 19.80 -3.83
N LEU A 107 -6.95 19.33 -4.18
CA LEU A 107 -6.81 18.47 -5.39
C LEU A 107 -7.23 17.03 -5.06
N PRO A 108 -7.58 16.21 -6.08
CA PRO A 108 -8.10 14.87 -5.81
C PRO A 108 -7.09 13.94 -5.09
N GLU A 109 -7.61 13.14 -4.17
CA GLU A 109 -6.80 12.13 -3.44
C GLU A 109 -5.97 11.30 -4.44
N SER A 110 -6.54 10.96 -5.59
CA SER A 110 -5.86 10.12 -6.60
C SER A 110 -4.63 10.83 -7.20
N LEU A 111 -4.59 12.17 -7.22
CA LEU A 111 -3.40 12.91 -7.62
C LEU A 111 -2.37 12.88 -6.48
N GLY A 112 -2.81 13.05 -5.24
CA GLY A 112 -1.91 12.88 -4.09
C GLY A 112 -1.29 11.50 -4.13
N LEU A 113 -2.07 10.50 -4.50
CA LEU A 113 -1.57 9.10 -4.46
C LEU A 113 -0.43 8.93 -5.47
N ALA A 114 -0.46 9.65 -6.60
CA ALA A 114 0.65 9.56 -7.58
C ALA A 114 1.94 10.14 -7.00
N ILE A 115 1.85 11.21 -6.21
CA ILE A 115 3.04 11.77 -5.54
C ILE A 115 3.52 10.71 -4.55
N SER A 116 2.59 10.14 -3.79
CA SER A 116 2.91 9.10 -2.79
C SER A 116 3.61 7.91 -3.51
N GLU A 117 3.20 7.57 -4.72
CA GLU A 117 3.81 6.41 -5.42
C GLU A 117 5.30 6.67 -5.60
N MET A 118 5.63 7.88 -6.08
CA MET A 118 7.03 8.22 -6.35
C MET A 118 7.80 8.39 -5.04
N VAL A 119 7.17 8.96 -4.01
CA VAL A 119 7.84 9.10 -2.68
C VAL A 119 8.20 7.71 -2.14
N GLY A 120 7.25 6.79 -2.19
CA GLY A 120 7.48 5.44 -1.65
C GLY A 120 8.61 4.72 -2.39
N GLN A 121 8.75 4.96 -3.69
CA GLN A 121 9.83 4.35 -4.49
C GLN A 121 11.18 4.98 -4.16
N ALA A 122 11.21 6.30 -4.03
CA ALA A 122 12.48 7.00 -3.81
C ALA A 122 13.05 6.69 -2.42
N ASN A 123 12.18 6.69 -1.42
CA ASN A 123 12.66 6.50 -0.03
C ASN A 123 11.48 6.13 0.86
N TRP A 124 11.18 4.84 0.93
CA TRP A 124 9.98 4.39 1.69
C TRP A 124 10.05 4.84 3.15
N SER A 125 11.19 4.61 3.80
CA SER A 125 11.33 4.95 5.24
C SER A 125 11.04 6.44 5.47
N TRP A 126 11.56 7.29 4.60
CA TRP A 126 11.32 8.76 4.69
C TRP A 126 9.83 9.01 4.47
N GLY A 127 9.24 8.37 3.45
CA GLY A 127 7.85 8.60 3.05
C GLY A 127 6.86 8.22 4.13
N MET A 128 7.23 7.33 5.04
CA MET A 128 6.33 6.92 6.13
C MET A 128 5.96 8.12 7.00
N TYR A 129 6.88 9.08 7.20
CA TYR A 129 6.61 10.24 8.10
C TYR A 129 5.42 11.02 7.56
N PRO A 130 5.44 11.59 6.32
CA PRO A 130 4.23 12.22 5.79
C PRO A 130 3.08 11.25 5.51
N GLY A 131 3.38 10.00 5.16
CA GLY A 131 2.31 9.05 4.84
C GLY A 131 1.41 8.73 6.01
N LEU A 132 1.98 8.44 7.18
CA LEU A 132 1.17 8.19 8.39
C LEU A 132 0.38 9.48 8.71
N SER A 133 0.98 10.64 8.49
CA SER A 133 0.31 11.93 8.79
C SER A 133 -0.97 12.03 7.95
N HIS A 134 -0.97 11.56 6.69
CA HIS A 134 -2.17 11.57 5.81
C HIS A 134 -3.27 10.71 6.44
N GLY A 135 -2.94 9.54 7.00
CA GLY A 135 -3.92 8.69 7.70
C GLY A 135 -4.53 9.44 8.88
N ALA A 136 -3.71 10.17 9.63
CA ALA A 136 -4.20 10.93 10.80
C ALA A 136 -5.16 12.02 10.30
N MET A 137 -4.80 12.69 9.22
CA MET A 137 -5.66 13.74 8.59
C MET A 137 -7.00 13.15 8.18
N ASN A 138 -7.00 11.98 7.52
CA ASN A 138 -8.24 11.34 7.06
C ASN A 138 -9.14 11.03 8.26
N THR A 139 -8.56 10.60 9.37
CA THR A 139 -9.29 10.25 10.61
C THR A 139 -9.90 11.56 11.17
N LEU A 140 -9.11 12.62 11.27
CA LEU A 140 -9.65 13.90 11.84
C LEU A 140 -10.74 14.46 10.93
N HIS A 141 -10.55 14.37 9.62
CA HIS A 141 -11.57 14.82 8.63
C HIS A 141 -12.88 14.06 8.84
N ALA A 142 -12.82 12.75 8.95
CA ALA A 142 -14.05 11.93 9.04
C ALA A 142 -14.72 11.95 10.41
N HIS A 143 -13.96 12.04 11.50
CA HIS A 143 -14.55 11.87 12.85
C HIS A 143 -14.31 13.02 13.81
N GLY A 144 -13.46 13.97 13.46
CA GLY A 144 -13.09 15.07 14.39
C GLY A 144 -14.22 16.07 14.52
N THR A 145 -14.34 16.70 15.70
CA THR A 145 -15.20 17.90 15.92
C THR A 145 -14.60 19.07 15.14
N ALA A 146 -15.39 20.14 14.93
CA ALA A 146 -14.89 21.41 14.40
C ALA A 146 -13.63 21.83 15.16
N GLU A 147 -13.63 21.77 16.49
CA GLU A 147 -12.46 22.27 17.27
C GLU A 147 -11.25 21.33 17.05
N GLN A 148 -11.47 20.04 17.03
CA GLN A 148 -10.34 19.09 16.79
C GLN A 148 -9.74 19.35 15.40
N GLN A 149 -10.58 19.67 14.44
CA GLN A 149 -10.12 19.99 13.07
C GLN A 149 -9.38 21.33 13.07
N ALA A 150 -9.92 22.37 13.72
CA ALA A 150 -9.25 23.68 13.72
C ALA A 150 -7.88 23.58 14.38
N THR A 151 -7.77 22.82 15.47
CA THR A 151 -6.55 22.69 16.29
C THR A 151 -5.53 21.73 15.62
N TYR A 152 -5.96 20.52 15.28
CA TYR A 152 -5.02 19.42 14.90
C TYR A 152 -4.98 19.25 13.38
N LEU A 153 -6.13 19.21 12.72
CA LEU A 153 -6.15 18.96 11.25
C LEU A 153 -5.43 20.08 10.50
N THR A 154 -5.63 21.36 10.83
CA THR A 154 -4.92 22.45 10.10
C THR A 154 -3.40 22.28 10.19
N LYS A 155 -2.90 21.86 11.35
CA LYS A 155 -1.44 21.74 11.60
CA LYS A 155 -1.45 21.74 11.61
C LYS A 155 -0.90 20.53 10.82
N LEU A 156 -1.67 19.44 10.74
CA LEU A 156 -1.26 18.23 9.95
C LEU A 156 -1.28 18.60 8.46
N VAL A 157 -2.28 19.34 8.00
CA VAL A 157 -2.42 19.70 6.56
C VAL A 157 -1.25 20.58 6.10
N SER A 158 -0.75 21.48 6.94
CA SER A 158 0.41 22.36 6.64
C SER A 158 1.70 21.55 6.65
N GLY A 159 1.71 20.41 7.35
CA GLY A 159 2.91 19.58 7.53
C GLY A 159 3.71 20.01 8.74
N GLU A 160 3.28 21.08 9.44
CA GLU A 160 3.98 21.58 10.64
C GLU A 160 4.02 20.50 11.72
N TRP A 161 2.91 19.78 11.91
CA TRP A 161 2.78 18.63 12.84
C TRP A 161 2.63 17.34 12.04
N THR A 162 3.10 16.22 12.58
CA THR A 162 2.94 14.90 11.94
C THR A 162 1.96 14.08 12.78
N GLY A 163 1.53 12.92 12.27
CA GLY A 163 0.54 12.08 12.96
C GLY A 163 0.92 10.62 12.97
N THR A 164 0.44 9.89 13.96
CA THR A 164 0.80 8.46 14.14
C THR A 164 -0.46 7.68 14.44
N MET A 165 -0.41 6.37 14.23
CA MET A 165 -1.51 5.48 14.63
C MET A 165 -0.97 4.55 15.74
N CYS A 166 -1.59 4.61 16.93
CA CYS A 166 -1.09 3.89 18.13
C CYS A 166 -2.11 2.83 18.52
N LEU A 167 -1.86 1.59 18.09
CA LEU A 167 -2.80 0.46 18.31
C LEU A 167 -2.09 -0.61 19.15
N THR A 168 -0.95 -1.08 18.65
CA THR A 168 -0.26 -2.32 19.07
C THR A 168 0.26 -2.21 20.50
N GLU A 169 0.08 -3.27 21.29
CA GLU A 169 0.68 -3.45 22.63
C GLU A 169 1.46 -4.74 22.59
N PRO A 170 2.34 -4.97 23.58
CA PRO A 170 3.18 -6.16 23.57
C PRO A 170 2.44 -7.48 23.29
N HIS A 171 1.24 -7.63 23.87
CA HIS A 171 0.44 -8.87 23.78
C HIS A 171 -0.55 -8.85 22.61
N CYS A 172 -0.68 -7.75 21.86
CA CYS A 172 -1.72 -7.71 20.79
C CYS A 172 -1.37 -6.75 19.65
N GLY A 173 -1.45 -7.28 18.43
CA GLY A 173 -1.37 -6.54 17.16
C GLY A 173 -2.65 -6.73 16.39
N THR A 174 -2.90 -7.97 15.97
CA THR A 174 -4.16 -8.29 15.24
C THR A 174 -5.34 -8.22 16.19
N ASP A 175 -5.19 -8.70 17.42
CA ASP A 175 -6.33 -8.81 18.38
C ASP A 175 -6.51 -7.52 19.17
N LEU A 176 -7.06 -6.49 18.53
CA LEU A 176 -7.21 -5.17 19.20
C LEU A 176 -8.17 -5.30 20.40
N GLY A 177 -9.06 -6.30 20.37
CA GLY A 177 -10.04 -6.43 21.46
C GLY A 177 -9.38 -6.72 22.81
N MET A 178 -8.12 -7.14 22.80
CA MET A 178 -7.36 -7.40 24.05
C MET A 178 -6.58 -6.17 24.54
N LEU A 179 -6.61 -5.00 23.86
CA LEU A 179 -5.74 -3.88 24.30
C LEU A 179 -6.15 -3.42 25.71
N ARG A 180 -5.19 -2.97 26.49
CA ARG A 180 -5.39 -2.62 27.92
C ARG A 180 -5.08 -1.15 28.20
N THR A 181 -4.51 -0.40 27.26
CA THR A 181 -4.27 1.06 27.45
C THR A 181 -5.59 1.67 27.93
N LYS A 182 -5.53 2.49 28.98
CA LYS A 182 -6.75 3.01 29.64
C LYS A 182 -6.88 4.51 29.40
N ALA A 183 -8.11 4.98 29.23
CA ALA A 183 -8.45 6.42 29.15
C ALA A 183 -9.37 6.75 30.36
N GLU A 184 -8.85 7.49 31.33
CA GLU A 184 -9.58 7.87 32.57
C GLU A 184 -10.21 9.24 32.35
N PRO A 185 -11.57 9.36 32.38
CA PRO A 185 -12.23 10.65 32.17
C PRO A 185 -11.89 11.65 33.27
N GLN A 186 -11.64 12.88 32.86
CA GLN A 186 -11.30 14.03 33.73
C GLN A 186 -12.54 14.94 33.77
N ALA A 187 -12.65 15.74 34.83
CA ALA A 187 -13.80 16.67 34.97
C ALA A 187 -13.85 17.63 33.77
N ASP A 188 -12.69 18.03 33.22
CA ASP A 188 -12.64 19.04 32.14
C ASP A 188 -13.08 18.45 30.79
N GLY A 189 -13.51 17.18 30.74
CA GLY A 189 -14.02 16.56 29.51
C GLY A 189 -12.90 15.86 28.72
N SER A 190 -11.65 16.00 29.16
CA SER A 190 -10.48 15.31 28.58
C SER A 190 -10.33 13.94 29.24
N TYR A 191 -9.32 13.18 28.82
CA TYR A 191 -9.04 11.83 29.35
C TYR A 191 -7.56 11.79 29.70
N LYS A 192 -7.22 11.05 30.73
CA LYS A 192 -5.79 10.76 31.02
C LYS A 192 -5.50 9.34 30.53
N VAL A 193 -4.57 9.24 29.59
CA VAL A 193 -4.32 7.98 28.83
C VAL A 193 -3.04 7.36 29.40
N THR A 194 -3.14 6.12 29.85
CA THR A 194 -2.03 5.38 30.50
C THR A 194 -1.89 4.00 29.83
N GLY A 195 -0.70 3.75 29.30
CA GLY A 195 -0.37 2.43 28.72
C GLY A 195 0.85 2.52 27.85
N THR A 196 1.39 1.36 27.48
CA THR A 196 2.57 1.27 26.60
C THR A 196 2.08 0.75 25.24
N LYS A 197 2.38 1.50 24.18
CA LYS A 197 2.14 1.08 22.78
C LYS A 197 3.52 0.72 22.20
N ILE A 198 3.57 -0.31 21.36
CA ILE A 198 4.84 -0.70 20.70
C ILE A 198 4.69 -0.60 19.19
N PHE A 199 5.83 -0.60 18.51
CA PHE A 199 5.92 -0.60 17.04
C PHE A 199 5.17 0.62 16.49
N ILE A 200 5.29 1.76 17.18
CA ILE A 200 4.69 3.03 16.70
C ILE A 200 5.64 3.64 15.70
N SER A 201 5.27 3.52 14.42
CA SER A 201 6.04 4.13 13.33
C SER A 201 6.01 5.65 13.50
N ALA A 202 7.16 6.32 13.46
CA ALA A 202 7.27 7.80 13.57
C ALA A 202 6.71 8.26 14.93
N GLY A 203 6.78 7.43 15.97
CA GLY A 203 6.26 7.78 17.31
C GLY A 203 7.01 8.97 17.89
N GLU A 204 8.30 9.08 17.64
CA GLU A 204 9.18 10.16 18.14
C GLU A 204 10.21 10.43 17.05
N HIS A 205 10.53 11.69 16.80
CA HIS A 205 11.53 12.07 15.78
C HIS A 205 11.73 13.58 15.86
N ASP A 206 12.65 14.08 15.08
CA ASP A 206 13.15 15.47 15.18
C ASP A 206 12.77 16.29 13.95
N MET A 207 11.75 15.90 13.21
CA MET A 207 11.46 16.47 11.87
C MET A 207 10.37 17.56 11.93
N ALA A 208 9.57 17.64 13.00
CA ALA A 208 8.36 18.51 13.02
C ALA A 208 8.28 19.31 14.32
N ASP A 209 7.23 20.11 14.46
CA ASP A 209 7.02 20.98 15.65
C ASP A 209 6.17 20.28 16.70
N ASN A 210 5.43 19.22 16.32
CA ASN A 210 4.58 18.44 17.23
C ASN A 210 4.26 17.12 16.55
N ILE A 211 3.83 16.17 17.35
CA ILE A 211 3.37 14.84 16.90
C ILE A 211 1.98 14.60 17.48
N VAL A 212 1.04 14.26 16.62
CA VAL A 212 -0.36 14.01 17.01
C VAL A 212 -0.56 12.49 16.98
N HIS A 213 -0.62 11.86 18.14
CA HIS A 213 -0.89 10.41 18.23
C HIS A 213 -2.38 10.18 18.18
N ILE A 214 -2.82 9.22 17.37
CA ILE A 214 -4.22 8.75 17.35
C ILE A 214 -4.24 7.38 18.01
N VAL A 215 -4.89 7.28 19.17
CA VAL A 215 -4.57 6.20 20.15
C VAL A 215 -5.83 5.41 20.46
N LEU A 216 -5.75 4.07 20.43
CA LEU A 216 -6.85 3.18 20.88
C LEU A 216 -6.70 2.91 22.37
N ALA A 217 -7.74 3.17 23.15
CA ALA A 217 -7.72 2.95 24.62
C ALA A 217 -9.13 2.60 25.10
N ARG A 218 -9.23 2.12 26.35
CA ARG A 218 -10.49 1.60 26.94
C ARG A 218 -10.98 2.58 28.01
N LEU A 219 -12.23 3.02 27.89
CA LEU A 219 -12.96 3.76 28.97
C LEU A 219 -13.21 2.81 30.14
N PRO A 220 -13.27 3.32 31.39
CA PRO A 220 -13.59 2.49 32.55
C PRO A 220 -14.98 1.87 32.36
N ASP A 221 -15.11 0.59 32.72
CA ASP A 221 -16.39 -0.17 32.64
C ASP A 221 -16.94 -0.14 31.20
N ALA A 222 -16.08 -0.15 30.17
CA ALA A 222 -16.50 -0.39 28.77
C ALA A 222 -16.73 -1.90 28.56
N PRO A 223 -17.54 -2.31 27.57
CA PRO A 223 -17.67 -3.74 27.22
C PRO A 223 -16.34 -4.45 26.91
N GLN A 224 -16.33 -5.78 27.03
CA GLN A 224 -15.19 -6.68 26.67
C GLN A 224 -14.85 -6.51 25.18
N GLY A 225 -13.58 -6.59 24.82
CA GLY A 225 -13.17 -6.76 23.43
C GLY A 225 -13.30 -5.48 22.62
N THR A 226 -13.49 -5.61 21.31
CA THR A 226 -13.51 -4.45 20.40
C THR A 226 -14.69 -3.52 20.66
N LYS A 227 -15.73 -4.03 21.31
CA LYS A 227 -16.94 -3.21 21.59
C LYS A 227 -16.65 -2.27 22.77
N GLY A 228 -15.44 -2.32 23.30
CA GLY A 228 -15.07 -1.49 24.46
C GLY A 228 -13.94 -0.55 24.17
N ILE A 229 -13.54 -0.38 22.91
CA ILE A 229 -12.36 0.47 22.58
C ILE A 229 -12.86 1.78 22.00
N SER A 230 -12.18 2.84 22.39
CA SER A 230 -12.40 4.24 21.99
C SER A 230 -11.10 4.83 21.44
N LEU A 231 -11.24 5.94 20.73
CA LEU A 231 -10.16 6.59 19.98
C LEU A 231 -9.86 7.95 20.63
N PHE A 232 -8.58 8.30 20.78
CA PHE A 232 -8.15 9.54 21.45
C PHE A 232 -7.09 10.23 20.62
N ILE A 233 -7.14 11.55 20.62
CA ILE A 233 -6.08 12.46 20.11
C ILE A 233 -5.18 12.77 21.30
N VAL A 234 -3.92 12.36 21.24
CA VAL A 234 -2.95 12.57 22.33
C VAL A 234 -1.71 13.22 21.73
N PRO A 235 -1.60 14.56 21.77
CA PRO A 235 -0.46 15.24 21.17
C PRO A 235 0.78 15.19 22.08
N LYS A 236 1.97 15.20 21.48
CA LYS A 236 3.24 15.28 22.24
C LYS A 236 3.29 16.59 23.03
N PHE A 237 2.93 17.70 22.38
CA PHE A 237 2.78 19.03 23.03
C PHE A 237 1.32 19.44 22.99
N LEU A 238 0.78 19.82 24.15
CA LEU A 238 -0.61 20.32 24.22
C LEU A 238 -0.67 21.68 23.56
N PRO A 239 -1.71 21.98 22.77
CA PRO A 239 -1.82 23.27 22.09
C PRO A 239 -1.83 24.43 23.11
N ASN A 240 -1.15 25.52 22.83
CA ASN A 240 -1.25 26.78 23.63
C ASN A 240 -2.49 27.57 23.18
N ALA A 241 -2.72 28.74 23.77
CA ALA A 241 -3.86 29.62 23.43
C ALA A 241 -3.83 30.01 21.94
N GLU A 242 -2.65 30.11 21.32
CA GLU A 242 -2.49 30.49 19.88
C GLU A 242 -2.53 29.24 18.99
N GLY A 243 -2.80 28.06 19.56
CA GLY A 243 -2.92 26.78 18.81
C GLY A 243 -1.56 26.19 18.44
N ASN A 244 -0.45 26.75 18.93
CA ASN A 244 0.91 26.26 18.60
C ASN A 244 1.36 25.27 19.67
N ALA A 245 2.49 24.60 19.46
CA ALA A 245 2.95 23.56 20.41
C ALA A 245 3.18 24.23 21.77
N GLY A 246 2.59 23.69 22.84
CA GLY A 246 2.66 24.31 24.18
C GLY A 246 3.32 23.41 25.21
N GLU A 247 2.62 23.14 26.30
CA GLU A 247 3.12 22.32 27.44
C GLU A 247 3.45 20.91 26.93
N ARG A 248 4.62 20.40 27.27
CA ARG A 248 5.01 18.98 27.02
C ARG A 248 3.96 18.07 27.69
N ASN A 249 3.37 17.16 26.92
CA ASN A 249 2.38 16.19 27.45
C ASN A 249 3.19 14.99 27.96
N ALA A 250 2.59 14.11 28.75
CA ALA A 250 3.25 12.94 29.39
C ALA A 250 3.23 11.79 28.38
N VAL A 251 3.87 12.01 27.25
CA VAL A 251 4.07 11.01 26.15
C VAL A 251 5.55 10.98 25.86
N SER A 252 6.16 9.80 25.86
CA SER A 252 7.62 9.72 25.64
C SER A 252 7.97 8.37 25.04
N CYS A 253 9.07 8.38 24.31
CA CYS A 253 9.59 7.19 23.61
C CYS A 253 10.59 6.50 24.53
N GLY A 254 10.26 5.28 24.96
CA GLY A 254 11.09 4.48 25.86
C GLY A 254 12.27 3.89 25.13
N SER A 255 12.10 3.56 23.85
CA SER A 255 13.15 2.87 23.06
C SER A 255 12.71 2.79 21.60
N ILE A 256 13.65 2.49 20.73
CA ILE A 256 13.34 2.19 19.31
C ILE A 256 13.84 0.81 18.99
N GLU A 257 13.20 0.17 18.03
CA GLU A 257 13.53 -1.23 17.66
C GLU A 257 14.76 -1.28 16.74
N HIS A 258 15.40 -2.45 16.84
CA HIS A 258 16.49 -2.84 15.92
C HIS A 258 15.80 -3.81 14.96
N LYS A 259 15.74 -3.46 13.68
CA LYS A 259 14.94 -4.23 12.71
C LYS A 259 15.75 -4.67 11.48
N MET A 260 15.15 -5.56 10.70
CA MET A 260 15.77 -6.04 9.45
C MET A 260 15.91 -4.88 8.45
N GLY A 261 14.94 -3.98 8.45
CA GLY A 261 14.94 -2.90 7.45
C GLY A 261 14.09 -1.72 7.91
N ILE A 262 13.71 -0.90 6.96
CA ILE A 262 13.14 0.47 7.18
C ILE A 262 13.82 1.13 8.38
N HIS A 263 15.14 1.15 8.39
CA HIS A 263 15.91 1.70 9.53
C HIS A 263 15.66 3.21 9.67
N GLY A 264 15.35 3.90 8.58
CA GLY A 264 15.23 5.38 8.62
C GLY A 264 13.93 5.80 9.30
N ASN A 265 12.99 4.89 9.48
CA ASN A 265 11.69 5.16 10.13
C ASN A 265 11.75 4.65 11.57
N ALA A 266 11.71 5.56 12.54
CA ALA A 266 11.80 5.23 13.96
C ALA A 266 10.60 4.36 14.36
N THR A 267 10.87 3.18 14.90
CA THR A 267 9.86 2.20 15.34
C THR A 267 9.88 2.21 16.86
N CYS A 268 8.90 2.88 17.45
CA CYS A 268 9.02 3.44 18.81
C CYS A 268 8.13 2.68 19.78
N VAL A 269 8.69 2.37 20.95
CA VAL A 269 7.88 2.06 22.17
C VAL A 269 7.44 3.40 22.77
N MET A 270 6.13 3.63 22.82
CA MET A 270 5.58 4.94 23.27
C MET A 270 4.89 4.70 24.62
N ASN A 271 5.35 5.43 25.63
CA ASN A 271 4.78 5.33 26.99
C ASN A 271 3.82 6.53 27.17
N PHE A 272 2.57 6.23 27.46
CA PHE A 272 1.51 7.19 27.81
C PHE A 272 1.39 7.15 29.34
N ASP A 273 1.89 8.21 30.01
CA ASP A 273 1.98 8.30 31.49
C ASP A 273 0.90 9.26 32.00
N ALA A 274 -0.36 8.82 31.94
CA ALA A 274 -1.59 9.63 32.18
C ALA A 274 -1.51 10.91 31.32
N ALA A 275 -1.15 10.75 30.05
CA ALA A 275 -1.09 11.83 29.04
C ALA A 275 -2.49 12.39 28.81
N THR A 276 -2.58 13.70 28.60
CA THR A 276 -3.89 14.31 28.28
C THR A 276 -4.28 13.95 26.84
N GLY A 277 -5.46 13.38 26.69
CA GLY A 277 -6.06 13.05 25.38
C GLY A 277 -7.51 13.48 25.24
N PHE A 278 -7.96 13.52 23.99
CA PHE A 278 -9.34 13.97 23.68
C PHE A 278 -10.06 12.90 22.88
N LEU A 279 -11.23 12.51 23.35
CA LEU A 279 -12.07 11.52 22.64
C LEU A 279 -12.37 12.02 21.23
N ILE A 280 -12.12 11.17 20.22
CA ILE A 280 -12.52 11.44 18.81
C ILE A 280 -13.46 10.31 18.37
N GLY A 281 -14.62 10.70 17.85
CA GLY A 281 -15.71 9.78 17.53
C GLY A 281 -16.43 9.34 18.78
N PRO A 282 -17.49 8.52 18.62
CA PRO A 282 -18.28 8.13 19.76
C PRO A 282 -17.58 7.17 20.71
N PRO A 283 -17.93 7.22 22.01
CA PRO A 283 -17.39 6.25 22.96
C PRO A 283 -17.72 4.83 22.47
N ASN A 284 -16.74 3.94 22.60
CA ASN A 284 -16.89 2.51 22.24
C ASN A 284 -16.94 2.29 20.71
N LYS A 285 -16.67 3.32 19.91
CA LYS A 285 -16.64 3.17 18.43
C LYS A 285 -15.22 3.43 17.92
N GLY A 286 -14.23 3.23 18.78
CA GLY A 286 -12.82 3.48 18.42
C GLY A 286 -12.36 2.64 17.23
N LEU A 287 -12.78 1.39 17.16
CA LEU A 287 -12.36 0.51 16.03
C LEU A 287 -12.92 1.07 14.71
N ASN A 288 -14.22 1.35 14.67
CA ASN A 288 -14.88 1.92 13.48
C ASN A 288 -14.10 3.15 13.04
N CYS A 289 -13.74 4.02 13.99
CA CYS A 289 -13.09 5.30 13.60
C CYS A 289 -11.63 5.05 13.19
N MET A 290 -10.95 4.17 13.89
CA MET A 290 -9.52 3.89 13.61
C MET A 290 -9.44 3.21 12.23
N PHE A 291 -10.50 2.59 11.75
CA PHE A 291 -10.46 1.94 10.42
C PHE A 291 -10.24 2.97 9.32
N THR A 292 -10.59 4.24 9.52
CA THR A 292 -10.29 5.28 8.53
C THR A 292 -8.78 5.31 8.32
N PHE A 293 -8.05 5.34 9.42
CA PHE A 293 -6.57 5.38 9.44
C PHE A 293 -6.07 4.05 8.86
N MET A 294 -6.60 2.96 9.37
CA MET A 294 -6.09 1.61 8.97
C MET A 294 -6.28 1.39 7.46
N ASN A 295 -7.42 1.82 6.92
CA ASN A 295 -7.64 1.67 5.45
C ASN A 295 -6.67 2.58 4.66
N THR A 296 -6.38 3.78 5.16
CA THR A 296 -5.34 4.58 4.50
C THR A 296 -4.02 3.80 4.53
N ALA A 297 -3.70 3.18 5.66
CA ALA A 297 -2.41 2.48 5.80
C ALA A 297 -2.36 1.26 4.87
N ARG A 298 -3.49 0.59 4.70
CA ARG A 298 -3.54 -0.61 3.82
C ARG A 298 -3.32 -0.23 2.34
N LEU A 299 -3.96 0.83 1.88
CA LEU A 299 -3.72 1.28 0.49
C LEU A 299 -2.29 1.82 0.36
N GLY A 300 -1.79 2.46 1.40
CA GLY A 300 -0.42 2.99 1.35
C GLY A 300 0.60 1.87 1.31
N THR A 301 0.32 0.79 2.05
CA THR A 301 1.24 -0.38 2.05
CA THR A 301 1.23 -0.38 2.06
C THR A 301 1.19 -1.16 0.70
N ALA A 302 0.02 -1.10 0.07
CA ALA A 302 -0.09 -1.70 -1.28
C ALA A 302 0.85 -0.91 -2.19
N LEU A 303 0.88 0.40 -1.99
CA LEU A 303 1.78 1.28 -2.78
C LEU A 303 3.23 0.91 -2.46
N GLN A 304 3.50 0.50 -1.22
CA GLN A 304 4.85 0.02 -0.84
C GLN A 304 5.18 -1.24 -1.65
N GLY A 305 4.22 -2.15 -1.75
CA GLY A 305 4.42 -3.37 -2.56
C GLY A 305 4.77 -3.00 -3.99
N LEU A 306 4.02 -2.07 -4.56
CA LEU A 306 4.33 -1.57 -5.92
C LEU A 306 5.76 -1.01 -5.97
N ALA A 307 6.14 -0.24 -4.96
CA ALA A 307 7.47 0.41 -4.88
C ALA A 307 8.59 -0.61 -4.93
N HIS A 308 8.45 -1.73 -4.23
CA HIS A 308 9.54 -2.71 -4.18
C HIS A 308 9.71 -3.41 -5.55
N ALA A 309 8.60 -3.62 -6.24
CA ALA A 309 8.66 -4.20 -7.60
C ALA A 309 9.32 -3.20 -8.53
N GLU A 310 8.92 -1.95 -8.42
CA GLU A 310 9.46 -0.89 -9.31
C GLU A 310 10.98 -0.75 -9.11
N VAL A 311 11.41 -0.67 -7.86
CA VAL A 311 12.86 -0.50 -7.56
C VAL A 311 13.62 -1.76 -8.00
N GLY A 312 13.06 -2.92 -7.74
CA GLY A 312 13.66 -4.19 -8.21
C GLY A 312 13.90 -4.10 -9.70
N PHE A 313 12.88 -3.67 -10.43
CA PHE A 313 12.95 -3.63 -11.90
C PHE A 313 14.03 -2.63 -12.31
N GLN A 314 14.04 -1.43 -11.73
CA GLN A 314 14.98 -0.36 -12.16
C GLN A 314 16.42 -0.88 -12.00
N GLY A 315 16.72 -1.47 -10.86
CA GLY A 315 18.06 -2.02 -10.61
C GLY A 315 18.36 -3.17 -11.57
N GLY A 316 17.44 -4.12 -11.70
CA GLY A 316 17.63 -5.30 -12.56
C GLY A 316 17.85 -4.96 -14.02
N ILE A 317 17.08 -4.06 -14.61
CA ILE A 317 17.25 -3.75 -16.06
C ILE A 317 18.60 -3.06 -16.29
N ALA A 318 19.01 -2.16 -15.41
CA ALA A 318 20.32 -1.47 -15.54
C ALA A 318 21.43 -2.52 -15.54
N TYR A 319 21.39 -3.43 -14.58
CA TYR A 319 22.48 -4.44 -14.43
C TYR A 319 22.44 -5.39 -15.63
N ALA A 320 21.25 -5.82 -16.08
CA ALA A 320 21.10 -6.81 -17.17
C ALA A 320 21.62 -6.27 -18.50
N ARG A 321 21.62 -4.96 -18.70
N ARG A 321 21.60 -4.95 -18.72
CA ARG A 321 22.11 -4.36 -19.97
CA ARG A 321 22.04 -4.32 -20.00
C ARG A 321 23.62 -4.15 -19.89
C ARG A 321 23.52 -3.87 -19.87
N GLU A 322 24.15 -3.96 -18.69
CA GLU A 322 25.56 -3.53 -18.48
C GLU A 322 26.44 -4.75 -18.20
N ARG A 323 25.97 -5.71 -17.39
CA ARG A 323 26.83 -6.84 -16.90
C ARG A 323 27.00 -7.82 -18.06
N LEU A 324 28.24 -8.10 -18.48
CA LEU A 324 28.55 -9.12 -19.50
C LEU A 324 28.88 -10.47 -18.81
N GLN A 325 28.28 -11.58 -19.22
CA GLN A 325 28.51 -12.91 -18.56
C GLN A 325 27.96 -14.01 -19.45
N MET A 326 28.83 -14.94 -19.86
CA MET A 326 28.49 -16.13 -20.69
C MET A 326 28.05 -15.63 -22.06
N ARG A 327 27.50 -16.54 -22.86
CA ARG A 327 27.07 -16.18 -24.23
C ARG A 327 25.65 -16.70 -24.48
N SER A 328 24.94 -16.09 -25.42
CA SER A 328 23.58 -16.55 -25.81
C SER A 328 23.62 -18.02 -26.26
N LEU A 329 22.55 -18.75 -26.00
CA LEU A 329 22.44 -20.17 -26.43
C LEU A 329 22.37 -20.26 -27.96
N THR A 330 22.03 -19.17 -28.63
CA THR A 330 21.93 -19.16 -30.12
C THR A 330 23.15 -18.45 -30.75
N GLY A 331 24.27 -18.41 -30.06
CA GLY A 331 25.54 -17.86 -30.58
C GLY A 331 25.86 -16.49 -29.98
N PRO A 332 27.16 -16.14 -29.82
CA PRO A 332 27.52 -14.84 -29.25
C PRO A 332 26.74 -13.68 -29.90
N LYS A 333 26.09 -12.83 -29.10
CA LYS A 333 25.29 -11.71 -29.64
C LYS A 333 26.18 -10.47 -29.66
N ALA A 334 27.20 -10.43 -28.82
CA ALA A 334 28.22 -9.35 -28.73
C ALA A 334 29.61 -9.95 -28.91
N PRO A 335 29.91 -10.55 -30.10
CA PRO A 335 31.16 -11.27 -30.31
C PRO A 335 32.40 -10.36 -30.23
N GLU A 336 32.20 -9.06 -30.35
CA GLU A 336 33.23 -8.00 -30.17
C GLU A 336 33.64 -7.89 -28.69
N LYS A 337 32.75 -8.25 -27.75
CA LYS A 337 32.99 -8.13 -26.29
C LYS A 337 33.43 -9.48 -25.74
N PRO A 338 34.11 -9.50 -24.57
CA PRO A 338 34.50 -10.75 -23.92
C PRO A 338 33.31 -11.68 -23.61
N ALA A 339 32.12 -11.11 -23.40
CA ALA A 339 30.87 -11.86 -23.07
C ALA A 339 29.64 -11.05 -23.53
N ASP A 340 28.45 -11.66 -23.51
CA ASP A 340 27.19 -10.99 -23.92
C ASP A 340 26.64 -10.27 -22.69
N PRO A 341 25.88 -9.16 -22.83
CA PRO A 341 25.14 -8.63 -21.68
C PRO A 341 24.15 -9.71 -21.24
N ILE A 342 23.92 -9.83 -19.94
CA ILE A 342 23.18 -11.00 -19.40
C ILE A 342 21.70 -10.94 -19.77
N ILE A 343 21.19 -9.80 -20.28
CA ILE A 343 19.81 -9.78 -20.81
C ILE A 343 19.63 -10.79 -21.98
N VAL A 344 20.70 -11.28 -22.59
CA VAL A 344 20.55 -12.29 -23.67
C VAL A 344 20.07 -13.64 -23.12
N HIS A 345 20.18 -13.82 -21.81
CA HIS A 345 19.78 -15.11 -21.19
C HIS A 345 18.28 -15.14 -20.92
N PRO A 346 17.59 -16.18 -21.42
CA PRO A 346 16.17 -16.31 -21.18
C PRO A 346 15.80 -16.23 -19.69
N ASP A 347 16.61 -16.83 -18.83
CA ASP A 347 16.22 -16.85 -17.40
C ASP A 347 16.28 -15.41 -16.84
N VAL A 348 17.25 -14.61 -17.28
CA VAL A 348 17.35 -13.20 -16.85
C VAL A 348 16.12 -12.44 -17.37
N ARG A 349 15.77 -12.68 -18.62
CA ARG A 349 14.54 -12.07 -19.21
C ARG A 349 13.30 -12.50 -18.40
N ARG A 350 13.22 -13.76 -17.98
CA ARG A 350 12.08 -14.21 -17.15
C ARG A 350 12.01 -13.37 -15.88
N MET A 351 13.13 -13.17 -15.21
CA MET A 351 13.10 -12.40 -13.93
C MET A 351 12.76 -10.90 -14.19
N LEU A 352 13.34 -10.31 -15.21
CA LEU A 352 12.98 -8.91 -15.62
C LEU A 352 11.48 -8.78 -15.92
N LEU A 353 10.94 -9.69 -16.73
CA LEU A 353 9.52 -9.60 -17.17
C LEU A 353 8.59 -9.86 -15.98
N THR A 354 9.00 -10.69 -15.03
CA THR A 354 8.19 -10.92 -13.80
C THR A 354 8.05 -9.59 -13.05
N MET A 355 9.15 -8.88 -12.82
CA MET A 355 9.13 -7.61 -12.06
C MET A 355 8.31 -6.59 -12.85
N LYS A 356 8.49 -6.56 -14.17
CA LYS A 356 7.75 -5.60 -15.02
C LYS A 356 6.24 -5.91 -15.00
N ALA A 357 5.88 -7.17 -15.18
CA ALA A 357 4.45 -7.53 -15.15
C ALA A 357 3.78 -7.15 -13.82
N PHE A 358 4.47 -7.34 -12.70
CA PHE A 358 3.88 -7.00 -11.39
C PHE A 358 3.86 -5.48 -11.19
N ALA A 359 4.94 -4.78 -11.52
CA ALA A 359 4.94 -3.33 -11.29
C ALA A 359 3.86 -2.66 -12.15
N GLU A 360 3.89 -2.92 -13.44
CA GLU A 360 2.94 -2.26 -14.38
C GLU A 360 1.50 -2.73 -14.09
N GLY A 361 1.30 -4.02 -13.83
CA GLY A 361 -0.04 -4.52 -13.51
C GLY A 361 -0.60 -3.93 -12.23
N ASN A 362 0.22 -3.92 -11.19
CA ASN A 362 -0.23 -3.37 -9.88
C ASN A 362 -0.48 -1.86 -10.01
N ARG A 363 0.32 -1.17 -10.82
CA ARG A 363 0.10 0.28 -11.04
C ARG A 363 -1.32 0.49 -11.60
N ALA A 364 -1.71 -0.35 -12.55
CA ALA A 364 -3.06 -0.26 -13.13
C ALA A 364 -4.13 -0.48 -12.04
N MET A 365 -3.96 -1.54 -11.26
CA MET A 365 -4.93 -1.81 -10.17
C MET A 365 -4.96 -0.65 -9.17
N LEU A 366 -3.80 -0.11 -8.81
CA LEU A 366 -3.74 1.01 -7.82
C LEU A 366 -4.56 2.21 -8.29
N TYR A 367 -4.38 2.64 -9.55
CA TYR A 367 -5.08 3.86 -10.03
C TYR A 367 -6.55 3.53 -10.29
N PHE A 368 -6.87 2.27 -10.59
CA PHE A 368 -8.29 1.86 -10.65
C PHE A 368 -8.91 2.05 -9.27
N ALA A 369 -8.23 1.57 -8.21
CA ALA A 369 -8.71 1.71 -6.83
C ALA A 369 -8.79 3.21 -6.48
N ALA A 370 -7.84 4.03 -6.92
CA ALA A 370 -7.74 5.47 -6.58
C ALA A 370 -8.97 6.22 -7.14
N LYS A 371 -9.52 5.76 -8.26
CA LYS A 371 -10.73 6.38 -8.88
C LYS A 371 -11.89 6.16 -7.93
N GLN A 372 -11.99 4.98 -7.32
CA GLN A 372 -13.05 4.66 -6.36
C GLN A 372 -12.96 5.61 -5.16
N VAL A 373 -11.75 5.85 -4.63
CA VAL A 373 -11.51 6.79 -3.52
C VAL A 373 -12.12 8.15 -3.91
N ASP A 374 -11.75 8.66 -5.09
CA ASP A 374 -12.27 9.99 -5.58
C ASP A 374 -13.79 9.96 -5.63
N ILE A 375 -14.39 8.91 -6.16
CA ILE A 375 -15.88 8.81 -6.30
C ILE A 375 -16.53 8.83 -4.92
N VAL A 376 -15.97 8.10 -3.95
CA VAL A 376 -16.58 8.02 -2.59
C VAL A 376 -16.52 9.42 -1.96
N GLN A 377 -15.39 10.10 -2.12
CA GLN A 377 -15.17 11.41 -1.47
C GLN A 377 -16.02 12.50 -2.09
N ARG A 378 -16.26 12.46 -3.40
CA ARG A 378 -16.70 13.70 -4.13
C ARG A 378 -18.05 13.53 -4.85
N SER A 379 -18.49 12.33 -5.20
CA SER A 379 -19.68 12.15 -6.07
C SER A 379 -20.95 12.60 -5.32
N GLN A 380 -21.91 13.16 -6.07
CA GLN A 380 -23.25 13.51 -5.53
C GLN A 380 -24.25 12.39 -5.84
N ASP A 381 -23.85 11.39 -6.61
CA ASP A 381 -24.73 10.27 -7.07
C ASP A 381 -24.59 9.15 -6.03
N GLU A 382 -25.64 8.95 -5.22
CA GLU A 382 -25.61 7.97 -4.11
C GLU A 382 -25.33 6.56 -4.66
N GLU A 383 -25.90 6.21 -5.81
CA GLU A 383 -25.74 4.89 -6.46
C GLU A 383 -24.28 4.71 -6.92
N GLN A 384 -23.69 5.72 -7.57
CA GLN A 384 -22.26 5.73 -7.97
C GLN A 384 -21.39 5.58 -6.71
N LYS A 385 -21.72 6.30 -5.64
CA LYS A 385 -20.95 6.28 -4.38
C LYS A 385 -21.01 4.89 -3.75
N LYS A 386 -22.19 4.28 -3.67
CA LYS A 386 -22.32 2.91 -3.10
C LYS A 386 -21.45 1.93 -3.90
N ALA A 387 -21.49 1.99 -5.23
CA ALA A 387 -20.76 1.05 -6.12
C ALA A 387 -19.26 1.22 -5.88
N ALA A 388 -18.80 2.47 -5.78
CA ALA A 388 -17.37 2.80 -5.59
C ALA A 388 -16.94 2.32 -4.22
N ASP A 389 -17.80 2.48 -3.21
CA ASP A 389 -17.45 2.08 -1.83
C ASP A 389 -17.28 0.56 -1.79
N SER A 390 -18.20 -0.17 -2.41
CA SER A 390 -18.16 -1.65 -2.49
C SER A 390 -16.86 -2.06 -3.22
N MET A 391 -16.56 -1.43 -4.34
CA MET A 391 -15.37 -1.80 -5.15
C MET A 391 -14.11 -1.52 -4.34
N LEU A 392 -14.04 -0.38 -3.66
CA LEU A 392 -12.84 -0.04 -2.85
C LEU A 392 -12.68 -1.05 -1.69
N ALA A 393 -13.76 -1.41 -1.01
CA ALA A 393 -13.71 -2.37 0.11
C ALA A 393 -13.20 -3.72 -0.37
N PHE A 394 -13.56 -4.09 -1.59
CA PHE A 394 -13.16 -5.37 -2.22
C PHE A 394 -11.67 -5.29 -2.55
N LEU A 395 -11.24 -4.21 -3.19
CA LEU A 395 -9.84 -4.12 -3.71
C LEU A 395 -8.84 -3.86 -2.57
N THR A 396 -9.25 -3.22 -1.49
CA THR A 396 -8.25 -2.79 -0.45
C THR A 396 -7.43 -3.99 0.05
N PRO A 397 -8.03 -5.09 0.53
CA PRO A 397 -7.23 -6.23 1.02
C PRO A 397 -6.45 -6.90 -0.10
N ILE A 398 -7.04 -7.01 -1.29
CA ILE A 398 -6.32 -7.59 -2.48
C ILE A 398 -5.08 -6.74 -2.77
N ALA A 399 -5.23 -5.42 -2.88
CA ALA A 399 -4.09 -4.53 -3.17
C ALA A 399 -3.04 -4.67 -2.06
N LYS A 400 -3.43 -4.56 -0.81
CA LYS A 400 -2.39 -4.61 0.24
C LYS A 400 -1.60 -5.93 0.22
N ALA A 401 -2.29 -7.05 0.33
CA ALA A 401 -1.61 -8.36 0.48
C ALA A 401 -0.98 -8.76 -0.84
N PHE A 402 -1.74 -8.71 -1.95
CA PHE A 402 -1.16 -9.18 -3.23
C PHE A 402 0.03 -8.29 -3.63
N MET A 403 -0.10 -6.97 -3.61
CA MET A 403 1.02 -6.14 -4.12
C MET A 403 2.28 -6.31 -3.24
N THR A 404 2.08 -6.46 -1.94
CA THR A 404 3.23 -6.66 -1.02
C THR A 404 3.88 -8.04 -1.25
N GLU A 405 3.07 -9.09 -1.34
CA GLU A 405 3.63 -10.43 -1.53
C GLU A 405 4.42 -10.45 -2.86
N VAL A 406 3.84 -10.02 -3.96
CA VAL A 406 4.56 -10.08 -5.27
C VAL A 406 5.62 -8.98 -5.35
N GLY A 407 5.53 -7.92 -4.53
CA GLY A 407 6.61 -6.91 -4.48
C GLY A 407 7.87 -7.46 -3.83
N PHE A 408 7.68 -8.30 -2.82
CA PHE A 408 8.82 -8.98 -2.15
C PHE A 408 9.45 -9.99 -3.13
N GLU A 409 8.61 -10.77 -3.81
CA GLU A 409 9.12 -11.68 -4.84
C GLU A 409 9.92 -10.84 -5.84
N SER A 410 9.35 -9.73 -6.32
CA SER A 410 9.99 -8.87 -7.35
C SER A 410 11.32 -8.30 -6.83
N ALA A 411 11.36 -7.86 -5.58
CA ALA A 411 12.60 -7.35 -4.93
C ALA A 411 13.67 -8.46 -4.99
N ASN A 412 13.26 -9.68 -4.72
CA ASN A 412 14.18 -10.84 -4.71
C ASN A 412 14.63 -11.17 -6.14
N HIS A 413 13.79 -11.03 -7.16
CA HIS A 413 14.25 -11.19 -8.57
C HIS A 413 15.33 -10.16 -8.87
N GLY A 414 15.18 -8.95 -8.34
CA GLY A 414 16.17 -7.88 -8.54
C GLY A 414 17.54 -8.27 -8.01
N VAL A 415 17.59 -8.74 -6.77
CA VAL A 415 18.81 -9.33 -6.18
C VAL A 415 19.34 -10.45 -7.05
N GLN A 416 18.47 -11.38 -7.51
CA GLN A 416 18.90 -12.62 -8.19
C GLN A 416 19.64 -12.26 -9.48
N ILE A 417 19.18 -11.25 -10.20
CA ILE A 417 19.83 -10.80 -11.47
C ILE A 417 21.28 -10.35 -11.24
N PHE A 418 21.56 -9.77 -10.07
CA PHE A 418 22.92 -9.32 -9.70
C PHE A 418 23.84 -10.48 -9.29
N GLY A 419 23.35 -11.72 -9.15
CA GLY A 419 24.17 -12.83 -8.64
C GLY A 419 24.75 -12.49 -7.27
N GLY A 420 25.97 -12.92 -6.97
CA GLY A 420 26.57 -12.61 -5.66
C GLY A 420 26.61 -11.13 -5.31
N HIS A 421 26.82 -10.26 -6.29
CA HIS A 421 26.81 -8.78 -6.13
C HIS A 421 25.48 -8.29 -5.51
N GLY A 422 24.39 -9.04 -5.71
CA GLY A 422 23.06 -8.63 -5.21
C GLY A 422 22.99 -8.66 -3.70
N PHE A 423 23.87 -9.43 -3.03
CA PHE A 423 23.89 -9.60 -1.56
C PHE A 423 24.67 -8.47 -0.86
N ILE A 424 25.36 -7.66 -1.67
CA ILE A 424 26.29 -6.61 -1.15
C ILE A 424 25.55 -5.30 -0.91
N ALA A 425 25.85 -4.66 0.21
CA ALA A 425 25.09 -3.46 0.63
C ALA A 425 25.19 -2.31 -0.36
N GLU A 426 26.36 -2.12 -0.95
CA GLU A 426 26.57 -0.88 -1.76
C GLU A 426 25.51 -0.76 -2.85
N HIS A 427 25.00 -1.87 -3.41
CA HIS A 427 24.09 -1.79 -4.59
C HIS A 427 22.62 -1.47 -4.26
N GLY A 428 22.20 -1.54 -3.00
CA GLY A 428 20.81 -1.13 -2.67
C GLY A 428 19.74 -2.19 -2.94
N MET A 429 20.10 -3.24 -3.67
CA MET A 429 19.09 -4.26 -4.04
C MET A 429 18.69 -5.09 -2.81
N GLU A 430 19.65 -5.37 -1.94
CA GLU A 430 19.34 -6.16 -0.72
C GLU A 430 18.56 -5.28 0.28
N GLN A 431 18.84 -3.98 0.33
CA GLN A 431 18.03 -3.09 1.19
C GLN A 431 16.59 -3.12 0.70
N ASN A 432 16.41 -3.11 -0.61
CA ASN A 432 15.03 -3.13 -1.17
C ASN A 432 14.29 -4.37 -0.66
N VAL A 433 14.96 -5.54 -0.63
CA VAL A 433 14.38 -6.77 -0.04
C VAL A 433 14.09 -6.57 1.47
N ARG A 434 15.04 -6.04 2.23
CA ARG A 434 14.85 -5.92 3.69
C ARG A 434 13.72 -4.93 4.02
N ASP A 435 13.69 -3.83 3.30
CA ASP A 435 12.59 -2.85 3.50
C ASP A 435 11.24 -3.48 3.11
N SER A 436 11.23 -4.31 2.07
CA SER A 436 9.99 -4.96 1.61
C SER A 436 9.43 -5.96 2.63
N ARG A 437 10.28 -6.61 3.41
CA ARG A 437 9.77 -7.73 4.25
C ARG A 437 8.71 -7.25 5.26
N ILE A 438 8.81 -6.05 5.79
CA ILE A 438 7.84 -5.57 6.81
C ILE A 438 6.47 -5.39 6.13
N SER A 439 6.44 -5.15 4.82
CA SER A 439 5.17 -4.82 4.12
C SER A 439 4.09 -5.91 4.23
N MET A 440 4.51 -7.16 4.43
CA MET A 440 3.52 -8.27 4.55
CA MET A 440 3.56 -8.29 4.55
C MET A 440 3.13 -8.49 6.02
N LEU A 441 3.78 -7.77 6.94
CA LEU A 441 3.58 -7.96 8.40
C LEU A 441 2.74 -6.82 8.99
N TYR A 442 3.10 -5.58 8.68
CA TYR A 442 2.36 -4.45 9.29
C TYR A 442 1.14 -4.06 8.46
N ALA A 443 0.30 -3.19 9.03
CA ALA A 443 -0.95 -2.72 8.36
C ALA A 443 -1.89 -3.89 8.09
N GLY A 444 -1.82 -4.92 8.95
CA GLY A 444 -2.65 -6.11 8.74
C GLY A 444 -1.88 -7.14 7.94
N THR A 445 -1.51 -8.23 8.59
CA THR A 445 -0.72 -9.25 7.91
C THR A 445 -1.41 -9.77 6.65
N THR A 446 -0.64 -10.37 5.76
CA THR A 446 -1.26 -11.07 4.62
C THR A 446 -2.45 -11.91 5.09
N GLY A 447 -2.31 -12.71 6.16
CA GLY A 447 -3.41 -13.58 6.59
C GLY A 447 -4.65 -12.79 7.05
N VAL A 448 -4.43 -11.67 7.70
CA VAL A 448 -5.56 -10.79 8.13
C VAL A 448 -6.25 -10.21 6.88
N GLN A 449 -5.46 -9.77 5.90
CA GLN A 449 -6.06 -9.23 4.66
C GLN A 449 -6.93 -10.33 4.05
N ALA A 450 -6.38 -11.56 4.03
CA ALA A 450 -7.08 -12.66 3.35
C ALA A 450 -8.43 -12.97 4.04
N LEU A 451 -8.43 -12.97 5.36
CA LEU A 451 -9.68 -13.17 6.14
C LEU A 451 -10.64 -12.02 5.87
N ASP A 452 -10.13 -10.81 5.77
CA ASP A 452 -11.00 -9.63 5.47
C ASP A 452 -11.64 -9.82 4.09
N LEU A 453 -10.86 -10.15 3.06
CA LEU A 453 -11.40 -10.32 1.70
C LEU A 453 -12.43 -11.45 1.70
N LEU A 454 -12.04 -12.66 2.09
CA LEU A 454 -12.92 -13.83 1.87
C LEU A 454 -14.08 -13.75 2.86
N GLY A 455 -13.83 -13.51 4.15
CA GLY A 455 -14.91 -13.52 5.17
C GLY A 455 -15.82 -12.30 5.04
N ARG A 456 -15.25 -11.13 5.21
CA ARG A 456 -16.03 -9.90 5.40
C ARG A 456 -16.46 -9.34 4.04
N LYS A 457 -15.59 -9.29 3.05
CA LYS A 457 -15.89 -8.57 1.80
C LYS A 457 -16.65 -9.45 0.82
N VAL A 458 -16.33 -10.73 0.69
CA VAL A 458 -16.94 -11.60 -0.34
C VAL A 458 -18.06 -12.43 0.28
N LEU A 459 -17.78 -13.31 1.24
CA LEU A 459 -18.82 -14.26 1.72
C LEU A 459 -19.94 -13.48 2.43
N MET A 460 -19.62 -12.48 3.25
CA MET A 460 -20.64 -11.74 4.05
CA MET A 460 -20.61 -11.71 4.06
C MET A 460 -21.41 -10.72 3.18
N THR A 461 -21.03 -10.49 1.93
CA THR A 461 -21.85 -9.63 1.01
C THR A 461 -22.55 -10.51 -0.01
N GLN A 462 -22.54 -11.83 0.17
CA GLN A 462 -23.09 -12.80 -0.81
C GLN A 462 -22.38 -12.65 -2.15
N GLY A 463 -21.11 -12.24 -2.13
CA GLY A 463 -20.29 -12.06 -3.35
C GLY A 463 -20.63 -10.80 -4.14
N GLU A 464 -21.46 -9.91 -3.62
CA GLU A 464 -21.87 -8.69 -4.36
C GLU A 464 -20.62 -7.86 -4.66
N ALA A 465 -19.66 -7.84 -3.74
CA ALA A 465 -18.42 -7.06 -3.91
C ALA A 465 -17.61 -7.67 -5.08
N LEU A 466 -17.49 -8.98 -5.11
CA LEU A 466 -16.83 -9.69 -6.23
C LEU A 466 -17.56 -9.47 -7.55
N LYS A 467 -18.90 -9.53 -7.53
CA LYS A 467 -19.74 -9.45 -8.73
C LYS A 467 -19.52 -8.09 -9.44
N GLY A 468 -19.26 -7.01 -8.67
CA GLY A 468 -18.90 -5.67 -9.17
C GLY A 468 -17.73 -5.76 -10.16
N PHE A 469 -16.71 -6.52 -9.78
CA PHE A 469 -15.50 -6.66 -10.62
C PHE A 469 -15.72 -7.70 -11.73
N THR A 470 -16.34 -8.85 -11.44
CA THR A 470 -16.48 -9.90 -12.48
C THR A 470 -17.43 -9.42 -13.58
N LYS A 471 -18.34 -8.51 -13.26
CA LYS A 471 -19.19 -7.88 -14.30
C LYS A 471 -18.32 -7.08 -15.29
N ILE A 472 -17.34 -6.34 -14.78
CA ILE A 472 -16.42 -5.55 -15.63
C ILE A 472 -15.69 -6.53 -16.53
N VAL A 473 -15.19 -7.63 -15.96
CA VAL A 473 -14.39 -8.60 -16.72
C VAL A 473 -15.29 -9.22 -17.79
N HIS A 474 -16.51 -9.60 -17.40
CA HIS A 474 -17.48 -10.25 -18.31
C HIS A 474 -17.72 -9.33 -19.52
N LYS A 475 -18.03 -8.07 -19.25
CA LYS A 475 -18.36 -7.09 -20.32
C LYS A 475 -17.12 -6.95 -21.21
N PHE A 476 -15.91 -6.92 -20.63
CA PHE A 476 -14.65 -6.83 -21.41
C PHE A 476 -14.51 -8.03 -22.34
N CYS A 477 -14.75 -9.25 -21.85
CA CYS A 477 -14.66 -10.49 -22.66
C CYS A 477 -15.70 -10.43 -23.80
N GLN A 478 -16.93 -10.03 -23.52
CA GLN A 478 -18.00 -9.95 -24.56
C GLN A 478 -17.56 -8.98 -25.65
N ALA A 479 -16.95 -7.86 -25.25
CA ALA A 479 -16.50 -6.80 -26.18
C ALA A 479 -15.29 -7.28 -26.98
N ASN A 480 -14.42 -8.14 -26.45
CA ASN A 480 -13.10 -8.38 -27.08
C ASN A 480 -12.90 -9.82 -27.53
N GLU A 481 -13.91 -10.68 -27.43
CA GLU A 481 -13.78 -12.13 -27.74
C GLU A 481 -13.47 -12.39 -29.23
N ALA A 482 -13.78 -11.46 -30.15
CA ALA A 482 -13.46 -11.59 -31.60
C ALA A 482 -12.49 -10.50 -32.05
N ASN A 483 -11.91 -9.77 -31.11
CA ASN A 483 -10.89 -8.74 -31.42
C ASN A 483 -9.57 -9.46 -31.69
N GLU A 484 -9.14 -9.52 -32.96
CA GLU A 484 -8.01 -10.41 -33.37
C GLU A 484 -6.78 -10.14 -32.50
N ALA A 485 -6.47 -8.87 -32.20
CA ALA A 485 -5.29 -8.46 -31.39
C ALA A 485 -5.31 -9.06 -29.98
N VAL A 486 -6.44 -9.32 -29.35
CA VAL A 486 -6.41 -9.78 -27.93
C VAL A 486 -7.28 -11.01 -27.68
N LYS A 487 -7.80 -11.66 -28.73
CA LYS A 487 -8.70 -12.81 -28.49
C LYS A 487 -7.90 -13.91 -27.76
N GLU A 488 -6.58 -13.97 -27.92
CA GLU A 488 -5.71 -14.95 -27.23
C GLU A 488 -5.77 -14.73 -25.71
N PHE A 489 -5.95 -13.47 -25.26
CA PHE A 489 -6.06 -13.13 -23.81
C PHE A 489 -7.50 -13.39 -23.33
N VAL A 490 -8.50 -13.07 -24.16
CA VAL A 490 -9.91 -13.15 -23.73
C VAL A 490 -10.32 -14.58 -23.41
N ALA A 491 -9.96 -15.56 -24.23
CA ALA A 491 -10.36 -16.96 -24.02
C ALA A 491 -9.98 -17.40 -22.60
N PRO A 492 -8.69 -17.38 -22.19
CA PRO A 492 -8.34 -17.76 -20.81
C PRO A 492 -8.97 -16.84 -19.75
N LEU A 493 -9.03 -15.53 -20.01
CA LEU A 493 -9.64 -14.59 -19.05
C LEU A 493 -11.11 -14.94 -18.80
N ALA A 494 -11.88 -15.26 -19.85
CA ALA A 494 -13.31 -15.61 -19.67
C ALA A 494 -13.42 -16.92 -18.87
N GLN A 495 -12.56 -17.91 -19.16
CA GLN A 495 -12.54 -19.19 -18.39
C GLN A 495 -12.26 -18.84 -16.93
N LEU A 496 -11.26 -17.98 -16.68
CA LEU A 496 -10.86 -17.64 -15.31
C LEU A 496 -12.01 -16.91 -14.63
N ASN A 497 -12.69 -15.99 -15.35
CA ASN A 497 -13.76 -15.19 -14.72
C ASN A 497 -14.90 -16.10 -14.25
N LYS A 498 -15.26 -17.09 -15.08
CA LYS A 498 -16.33 -18.04 -14.72
C LYS A 498 -15.84 -18.85 -13.52
N GLU A 499 -14.59 -19.31 -13.58
CA GLU A 499 -14.02 -20.11 -12.46
C GLU A 499 -14.04 -19.33 -11.15
N TRP A 500 -13.74 -18.03 -11.19
CA TRP A 500 -13.65 -17.20 -9.98
C TRP A 500 -14.98 -17.24 -9.22
N GLY A 501 -16.12 -17.11 -9.91
CA GLY A 501 -17.42 -17.25 -9.25
C GLY A 501 -17.66 -18.67 -8.76
N ASP A 502 -17.35 -19.67 -9.56
CA ASP A 502 -17.56 -21.09 -9.19
C ASP A 502 -16.75 -21.42 -7.94
N LEU A 503 -15.49 -20.98 -7.89
CA LEU A 503 -14.61 -21.23 -6.72
C LEU A 503 -15.23 -20.58 -5.49
N THR A 504 -15.69 -19.35 -5.62
CA THR A 504 -16.27 -18.60 -4.50
C THR A 504 -17.44 -19.41 -3.94
N MET A 505 -18.29 -19.95 -4.82
CA MET A 505 -19.47 -20.75 -4.40
C MET A 505 -19.00 -22.02 -3.67
N LYS A 506 -17.96 -22.69 -4.19
CA LYS A 506 -17.44 -23.94 -3.58
C LYS A 506 -16.82 -23.63 -2.22
N VAL A 507 -16.05 -22.56 -2.12
CA VAL A 507 -15.45 -22.17 -0.81
C VAL A 507 -16.57 -21.78 0.18
N GLY A 508 -17.57 -21.04 -0.27
CA GLY A 508 -18.69 -20.68 0.62
C GLY A 508 -19.40 -21.91 1.17
N MET A 509 -19.63 -22.90 0.32
CA MET A 509 -20.34 -24.15 0.75
C MET A 509 -19.50 -24.86 1.81
N ALA A 510 -18.19 -24.92 1.60
CA ALA A 510 -17.32 -25.58 2.58
C ALA A 510 -17.37 -24.82 3.91
N ALA A 511 -17.40 -23.49 3.83
CA ALA A 511 -17.41 -22.65 5.05
C ALA A 511 -18.71 -22.84 5.83
N MET A 512 -19.77 -23.16 5.12
CA MET A 512 -21.07 -23.38 5.79
C MET A 512 -21.02 -24.70 6.56
N LYS A 513 -20.24 -25.66 6.06
CA LYS A 513 -20.13 -26.99 6.71
C LYS A 513 -19.09 -26.94 7.82
N ASP A 514 -18.08 -26.10 7.67
CA ASP A 514 -16.96 -26.00 8.65
C ASP A 514 -16.33 -24.61 8.56
N ARG A 515 -16.49 -23.79 9.59
CA ARG A 515 -15.99 -22.39 9.52
C ARG A 515 -14.46 -22.33 9.38
N GLU A 516 -13.72 -23.42 9.70
CA GLU A 516 -12.24 -23.44 9.57
C GLU A 516 -11.91 -23.26 8.08
N GLU A 517 -12.85 -23.63 7.19
CA GLU A 517 -12.65 -23.53 5.73
C GLU A 517 -12.39 -22.07 5.32
N VAL A 518 -12.90 -21.08 6.05
CA VAL A 518 -12.63 -19.66 5.73
C VAL A 518 -11.12 -19.40 5.85
N GLY A 519 -10.51 -19.71 7.00
CA GLY A 519 -9.06 -19.50 7.15
C GLY A 519 -8.28 -20.41 6.22
N ALA A 520 -8.72 -21.64 6.04
CA ALA A 520 -7.97 -22.64 5.24
C ALA A 520 -7.85 -22.16 3.78
N ALA A 521 -8.88 -21.52 3.22
CA ALA A 521 -8.93 -21.10 1.80
C ALA A 521 -8.40 -19.68 1.64
N SER A 522 -8.30 -18.92 2.71
CA SER A 522 -8.20 -17.44 2.66
C SER A 522 -7.00 -16.96 1.82
N VAL A 523 -5.77 -17.37 2.15
CA VAL A 523 -4.60 -16.73 1.49
C VAL A 523 -4.56 -17.21 0.03
N ASP A 524 -4.90 -18.46 -0.27
CA ASP A 524 -4.93 -18.92 -1.67
C ASP A 524 -6.01 -18.14 -2.45
N TYR A 525 -7.15 -17.87 -1.80
CA TYR A 525 -8.29 -17.17 -2.44
C TYR A 525 -7.85 -15.73 -2.75
N LEU A 526 -7.12 -15.10 -1.83
CA LEU A 526 -6.67 -13.72 -2.06
C LEU A 526 -5.65 -13.70 -3.19
N MET A 527 -4.68 -14.60 -3.16
CA MET A 527 -3.63 -14.57 -4.22
C MET A 527 -4.30 -14.86 -5.56
N TYR A 528 -5.14 -15.87 -5.68
CA TYR A 528 -5.93 -16.17 -6.89
C TYR A 528 -6.63 -14.87 -7.35
N SER A 529 -7.30 -14.18 -6.42
CA SER A 529 -8.05 -12.93 -6.75
C SER A 529 -7.10 -11.87 -7.32
N GLY A 530 -5.91 -11.67 -6.71
CA GLY A 530 -4.96 -10.68 -7.25
C GLY A 530 -4.49 -11.06 -8.64
N TYR A 531 -4.14 -12.34 -8.88
CA TYR A 531 -3.75 -12.81 -10.23
C TYR A 531 -4.88 -12.57 -11.25
N ALA A 532 -6.13 -12.80 -10.86
CA ALA A 532 -7.31 -12.60 -11.73
C ALA A 532 -7.47 -11.10 -12.02
N CYS A 533 -7.36 -10.26 -11.01
CA CYS A 533 -7.39 -8.79 -11.22
C CYS A 533 -6.34 -8.38 -12.25
N LEU A 534 -5.10 -8.87 -12.10
CA LEU A 534 -4.02 -8.48 -13.04
C LEU A 534 -4.27 -9.10 -14.41
N ALA A 535 -4.88 -10.29 -14.51
CA ALA A 535 -5.26 -10.83 -15.83
C ALA A 535 -6.18 -9.81 -16.52
N TYR A 536 -7.17 -9.30 -15.84
CA TYR A 536 -8.07 -8.28 -16.41
C TYR A 536 -7.26 -7.04 -16.83
N PHE A 537 -6.47 -6.47 -15.94
CA PHE A 537 -5.75 -5.22 -16.26
C PHE A 537 -4.76 -5.47 -17.40
N TRP A 538 -4.05 -6.62 -17.43
CA TRP A 538 -3.12 -6.89 -18.55
C TRP A 538 -3.88 -7.05 -19.85
N ALA A 539 -5.01 -7.75 -19.86
CA ALA A 539 -5.83 -7.91 -21.08
C ALA A 539 -6.28 -6.53 -21.57
N ASP A 540 -6.66 -5.66 -20.65
CA ASP A 540 -7.14 -4.30 -21.01
C ASP A 540 -5.98 -3.46 -21.52
N MET A 541 -4.81 -3.53 -20.88
CA MET A 541 -3.64 -2.79 -21.40
C MET A 541 -3.28 -3.31 -22.80
N ALA A 542 -3.34 -4.63 -23.04
CA ALA A 542 -3.06 -5.21 -24.37
C ALA A 542 -4.08 -4.66 -25.39
N ARG A 543 -5.34 -4.60 -25.01
CA ARG A 543 -6.43 -4.07 -25.88
C ARG A 543 -6.08 -2.62 -26.24
N LEU A 544 -5.78 -1.81 -25.25
CA LEU A 544 -5.43 -0.38 -25.45
C LEU A 544 -4.16 -0.26 -26.32
N ALA A 545 -3.11 -1.05 -26.05
CA ALA A 545 -1.88 -1.05 -26.88
C ALA A 545 -2.25 -1.32 -28.35
N ALA A 546 -3.07 -2.33 -28.65
CA ALA A 546 -3.41 -2.67 -30.04
C ALA A 546 -4.18 -1.50 -30.68
N GLU A 547 -5.05 -0.86 -29.90
CA GLU A 547 -5.82 0.32 -30.40
C GLU A 547 -4.82 1.43 -30.79
N LYS A 548 -3.82 1.70 -29.97
CA LYS A 548 -2.86 2.81 -30.20
C LYS A 548 -2.02 2.49 -31.44
N LEU A 549 -1.64 1.22 -31.63
CA LEU A 549 -0.85 0.81 -32.78
C LEU A 549 -1.72 0.97 -34.04
N ALA A 550 -2.99 0.60 -33.99
CA ALA A 550 -3.93 0.73 -35.14
C ALA A 550 -4.13 2.22 -35.47
N ALA A 551 -4.09 3.09 -34.47
CA ALA A 551 -4.29 4.56 -34.63
C ALA A 551 -3.03 5.21 -35.22
N GLY A 552 -1.89 4.54 -35.20
CA GLY A 552 -0.63 5.02 -35.82
C GLY A 552 0.16 5.91 -34.90
N THR A 553 0.18 5.55 -33.63
CA THR A 553 1.06 6.14 -32.59
C THR A 553 2.50 6.34 -33.10
N GLY A 554 3.15 7.41 -32.65
CA GLY A 554 4.60 7.60 -32.81
C GLY A 554 5.41 6.90 -31.72
N GLU A 555 4.75 6.26 -30.75
CA GLU A 555 5.44 5.51 -29.65
C GLU A 555 5.20 4.02 -29.83
N GLU A 556 5.45 3.48 -31.02
CA GLU A 556 5.16 2.06 -31.35
C GLU A 556 5.77 1.13 -30.30
N ALA A 557 7.02 1.31 -29.98
CA ALA A 557 7.79 0.40 -29.07
C ALA A 557 7.12 0.33 -27.69
N PHE A 558 6.64 1.45 -27.17
CA PHE A 558 6.02 1.47 -25.83
C PHE A 558 4.82 0.52 -25.79
N TYR A 559 3.97 0.61 -26.80
CA TYR A 559 2.74 -0.21 -26.88
C TYR A 559 3.09 -1.66 -27.25
N LYS A 560 4.04 -1.88 -28.14
CA LYS A 560 4.49 -3.27 -28.45
C LYS A 560 5.01 -3.95 -27.17
N ALA A 561 5.69 -3.20 -26.31
CA ALA A 561 6.22 -3.79 -25.06
C ALA A 561 5.06 -4.17 -24.13
N LYS A 562 4.00 -3.37 -24.11
CA LYS A 562 2.80 -3.70 -23.30
C LYS A 562 2.24 -5.06 -23.76
N LEU A 563 2.13 -5.27 -25.07
CA LEU A 563 1.62 -6.54 -25.59
C LEU A 563 2.55 -7.70 -25.20
N GLN A 564 3.86 -7.51 -25.23
CA GLN A 564 4.82 -8.58 -24.84
C GLN A 564 4.65 -8.90 -23.35
N THR A 565 4.56 -7.87 -22.53
CA THR A 565 4.45 -8.04 -21.06
C THR A 565 3.13 -8.77 -20.74
N ALA A 566 2.05 -8.37 -21.39
CA ALA A 566 0.72 -8.99 -21.20
C ALA A 566 0.80 -10.47 -21.56
N ARG A 567 1.47 -10.81 -22.67
CA ARG A 567 1.56 -12.23 -23.07
C ARG A 567 2.42 -13.02 -22.06
N PHE A 568 3.50 -12.43 -21.58
CA PHE A 568 4.37 -13.04 -20.54
C PHE A 568 3.54 -13.31 -19.29
N TYR A 569 2.76 -12.33 -18.85
CA TYR A 569 1.90 -12.48 -17.66
C TYR A 569 0.96 -13.66 -17.82
N PHE A 570 0.23 -13.71 -18.92
CA PHE A 570 -0.79 -14.78 -19.12
C PHE A 570 -0.14 -16.16 -19.22
N GLN A 571 1.00 -16.27 -19.86
CA GLN A 571 1.60 -17.59 -20.20
C GLN A 571 2.48 -18.13 -19.07
N ARG A 572 3.08 -17.26 -18.28
CA ARG A 572 4.10 -17.71 -17.28
C ARG A 572 3.72 -17.34 -15.83
N ILE A 573 2.90 -16.33 -15.60
CA ILE A 573 2.58 -15.96 -14.18
C ILE A 573 1.16 -16.43 -13.84
N LEU A 574 0.17 -16.13 -14.68
CA LEU A 574 -1.23 -16.48 -14.39
C LEU A 574 -1.44 -17.96 -14.07
N PRO A 575 -0.69 -18.93 -14.68
CA PRO A 575 -0.89 -20.34 -14.31
C PRO A 575 -0.62 -20.69 -12.82
N ARG A 576 -0.03 -19.77 -12.07
CA ARG A 576 0.04 -19.94 -10.59
C ARG A 576 -1.37 -20.16 -10.04
N THR A 577 -2.42 -19.64 -10.69
CA THR A 577 -3.81 -19.82 -10.21
C THR A 577 -4.14 -21.32 -10.09
N ARG A 578 -3.57 -22.18 -10.93
CA ARG A 578 -3.89 -23.63 -10.90
C ARG A 578 -3.52 -24.21 -9.52
N ALA A 579 -2.40 -23.81 -8.93
CA ALA A 579 -1.98 -24.30 -7.61
C ALA A 579 -2.83 -23.70 -6.49
N HIS A 580 -3.14 -22.38 -6.54
CA HIS A 580 -4.09 -21.78 -5.57
C HIS A 580 -5.48 -22.44 -5.61
N VAL A 581 -5.98 -22.77 -6.78
CA VAL A 581 -7.27 -23.47 -6.90
C VAL A 581 -7.21 -24.83 -6.19
N ALA A 582 -6.25 -25.67 -6.56
CA ALA A 582 -6.13 -27.02 -5.98
C ALA A 582 -6.01 -26.89 -4.46
N ALA A 583 -5.12 -26.04 -3.98
CA ALA A 583 -4.91 -25.89 -2.52
C ALA A 583 -6.20 -25.45 -1.84
N MET A 584 -6.85 -24.43 -2.37
CA MET A 584 -8.01 -23.84 -1.65
C MET A 584 -9.17 -24.86 -1.62
N LEU A 585 -9.32 -25.71 -2.62
CA LEU A 585 -10.44 -26.67 -2.69
C LEU A 585 -10.05 -27.96 -1.92
N SER A 586 -8.81 -28.09 -1.43
CA SER A 586 -8.33 -29.36 -0.81
C SER A 586 -8.96 -29.56 0.58
N GLY A 587 -9.48 -28.51 1.21
CA GLY A 587 -10.24 -28.64 2.47
C GLY A 587 -9.39 -28.39 3.71
N ALA A 588 -10.04 -27.92 4.78
CA ALA A 588 -9.42 -27.56 6.06
C ALA A 588 -8.86 -28.80 6.77
N ASN A 589 -9.36 -30.01 6.52
CA ASN A 589 -8.94 -31.16 7.35
C ASN A 589 -7.43 -31.43 7.21
N ASN A 590 -6.86 -31.20 6.03
CA ASN A 590 -5.42 -31.47 5.82
C ASN A 590 -4.57 -30.48 6.61
N LEU A 591 -5.15 -29.40 7.15
CA LEU A 591 -4.45 -28.41 8.02
C LEU A 591 -4.73 -28.69 9.50
N MET A 592 -5.94 -29.16 9.82
CA MET A 592 -6.48 -29.09 11.20
C MET A 592 -6.32 -30.46 11.89
N GLU A 593 -6.11 -31.54 11.15
CA GLU A 593 -6.10 -32.90 11.72
C GLU A 593 -4.87 -33.09 12.61
N MET A 594 -3.71 -32.54 12.26
CA MET A 594 -2.49 -32.72 13.10
CA MET A 594 -2.46 -32.66 13.08
C MET A 594 -2.72 -32.12 14.49
N ALA A 595 -2.48 -32.90 15.53
CA ALA A 595 -2.58 -32.40 16.91
C ALA A 595 -1.45 -31.39 17.17
N GLU A 596 -1.73 -30.37 17.98
CA GLU A 596 -0.75 -29.33 18.35
C GLU A 596 0.53 -30.01 18.88
N GLU A 597 0.36 -31.05 19.69
CA GLU A 597 1.51 -31.67 20.41
CA GLU A 597 1.44 -31.77 20.42
C GLU A 597 2.30 -32.60 19.46
N ASP A 598 1.89 -32.76 18.20
CA ASP A 598 2.48 -33.76 17.27
C ASP A 598 3.28 -33.07 16.15
N PHE A 599 3.37 -31.74 16.18
CA PHE A 599 4.02 -31.00 15.08
C PHE A 599 5.54 -31.12 15.11
N ALA A 600 6.13 -31.40 16.27
CA ALA A 600 7.61 -31.36 16.42
C ALA A 600 8.13 -32.60 17.16
N LEU A 601 7.89 -33.77 16.60
CA LEU A 601 8.31 -35.04 17.26
C LEU A 601 9.64 -35.55 16.68
N GLY A 602 10.34 -34.74 15.88
CA GLY A 602 11.60 -35.18 15.24
C GLY A 602 12.87 -34.81 16.01
N TYR A 603 12.74 -34.47 17.30
CA TYR A 603 13.88 -34.02 18.15
C TYR A 603 14.22 -35.15 19.15
#